data_7HL4
#
_entry.id   7HL4
#
_cell.length_a   82.371
_cell.length_b   116.132
_cell.length_c   147.925
_cell.angle_alpha   90.00
_cell.angle_beta   90.00
_cell.angle_gamma   90.00
#
_symmetry.space_group_name_H-M   'I 2 2 2'
#
loop_
_entity.id
_entity.type
_entity.pdbx_description
1 polymer 'Genome polyprotein'
2 non-polymer 'ZINC ION'
3 non-polymer '2-(N-MORPHOLINO)-ETHANESULFONIC ACID'
4 non-polymer 'DIMETHYL SULFOXIDE'
5 non-polymer 'PHOSPHATE ION'
6 non-polymer DI(HYDROXYETHYL)ETHER
7 non-polymer 2-bromopyrimidine
8 water water
#
_entity_poly.entity_id   1
_entity_poly.type   'polypeptide(L)'
_entity_poly.pdbx_seq_one_letter_code
;GPGIESETPNLDIIGKRIEKIKQEHETSWHYDQDHPYKTWAYHGSYETKQTGSASSMVNGVVRLLTKPWDIIPMVTQMAM
TDTTPFGQQRVFKEKVDTRTQEPKEGTKKLMKITAEWLWKELGKKKTPRMCTREEFTRKVRSNAALGAIFTDENKWKSAR
EAVEDSGFWELVDKERNLHLEGKCETCVYNMMGKREKKLGEFGKAKGSRAIWYMWLGARFLEFEALGFLNEDHWFSRENS
LSGVEGEGLHKLGYILRDVSKKEGGAMYADDTAGWDTRITLEDLKNEEMVTNHMEGEHKKLAEAIFKLTYQNKVVRVQRP
TPRGTVMDIISRRDQRGSGQVVTYGLNTFTNMEAQLIRQMEGEGVFKSIQHLTVTEEIAVKNWLVRVGRERLSRMAISGD
DCVVKPLDDRFASALTALNDMGKVRKDIQQWEPSRGWNDWTQVPFCSHHFHELIMKDGRVLVVPCRNQDELIGRARISQG
AGWSLRETACLGKSYAQMWSLMYFHRRDLRLAANAICSAVPSHWVPTSRTTWSIHATHEWMTTEDMLTVWNRVWIQENPW
MEDKTPVESWEEIPYLGKREDQWCGSLIGLTSRATWAKNIQTAINQVRSLIGNEEYTDYMPSMKRFRREEEEAGVLW
;
_entity_poly.pdbx_strand_id   A
#
loop_
_chem_comp.id
_chem_comp.type
_chem_comp.name
_chem_comp.formula
A1BDM non-polymer 2-bromopyrimidine 'C4 H3 Br N2'
DMS non-polymer 'DIMETHYL SULFOXIDE' 'C2 H6 O S'
MES non-polymer '2-(N-MORPHOLINO)-ETHANESULFONIC ACID' 'C6 H13 N O4 S'
PEG non-polymer DI(HYDROXYETHYL)ETHER 'C4 H10 O3'
PO4 non-polymer 'PHOSPHATE ION' 'O4 P -3'
ZN non-polymer 'ZINC ION' 'Zn 2'
#
# COMPACT_ATOMS: atom_id res chain seq x y z
N ASN A 10 -19.66 -12.42 -21.69
CA ASN A 10 -19.08 -11.30 -22.51
C ASN A 10 -20.15 -10.20 -22.63
N LEU A 11 -20.54 -9.83 -23.87
CA LEU A 11 -21.10 -8.48 -24.22
C LEU A 11 -22.47 -8.23 -23.56
N ASP A 12 -23.14 -9.27 -23.07
CA ASP A 12 -24.45 -9.09 -22.39
C ASP A 12 -24.24 -8.37 -21.05
N ILE A 13 -23.08 -8.50 -20.38
CA ILE A 13 -22.79 -7.87 -19.06
C ILE A 13 -22.13 -6.48 -19.23
N ILE A 14 -21.37 -6.26 -20.32
CA ILE A 14 -20.64 -4.98 -20.53
C ILE A 14 -21.31 -4.08 -21.59
N GLY A 15 -22.17 -4.65 -22.46
CA GLY A 15 -22.81 -3.97 -23.61
C GLY A 15 -23.47 -2.64 -23.25
N LYS A 16 -24.20 -2.62 -22.13
CA LYS A 16 -24.97 -1.44 -21.66
C LYS A 16 -24.00 -0.28 -21.38
N ARG A 17 -22.93 -0.55 -20.64
CA ARG A 17 -21.86 0.45 -20.35
C ARG A 17 -21.26 0.89 -21.69
N ILE A 18 -21.03 -0.07 -22.59
CA ILE A 18 -20.42 0.18 -23.94
C ILE A 18 -21.40 1.05 -24.73
N GLU A 19 -22.63 0.55 -24.97
CA GLU A 19 -23.73 1.27 -25.68
C GLU A 19 -23.80 2.72 -25.19
N LYS A 20 -23.85 2.89 -23.86
CA LYS A 20 -24.02 4.22 -23.20
C LYS A 20 -22.91 5.18 -23.63
N ILE A 21 -21.64 4.73 -23.58
CA ILE A 21 -20.46 5.56 -23.92
C ILE A 21 -20.50 5.89 -25.42
N LYS A 22 -20.80 4.88 -26.25
CA LYS A 22 -20.97 5.03 -27.73
C LYS A 22 -21.82 6.28 -28.02
N GLN A 23 -22.89 6.50 -27.25
CA GLN A 23 -23.93 7.54 -27.52
C GLN A 23 -23.50 8.93 -27.02
N GLU A 24 -22.67 9.04 -25.98
CA GLU A 24 -22.18 10.36 -25.50
C GLU A 24 -21.13 10.91 -26.47
N HIS A 25 -20.67 10.07 -27.41
CA HIS A 25 -19.67 10.43 -28.46
C HIS A 25 -20.09 9.80 -29.80
N GLU A 26 -21.36 9.98 -30.21
CA GLU A 26 -21.95 9.44 -31.46
C GLU A 26 -21.40 10.22 -32.67
N THR A 27 -20.92 11.45 -32.45
CA THR A 27 -20.23 12.28 -33.47
C THR A 27 -18.73 11.89 -33.58
N SER A 28 -18.26 10.87 -32.86
CA SER A 28 -16.82 10.51 -32.72
C SER A 28 -16.52 9.02 -33.01
N TRP A 29 -17.47 8.10 -32.82
CA TRP A 29 -17.22 6.64 -32.74
C TRP A 29 -16.47 6.15 -33.99
N HIS A 30 -15.61 5.13 -33.88
CA HIS A 30 -14.93 4.46 -35.02
C HIS A 30 -14.15 3.23 -34.58
N TYR A 31 -14.50 2.04 -35.09
CA TYR A 31 -13.77 0.76 -34.82
C TYR A 31 -12.42 0.81 -35.54
N ASP A 32 -11.46 1.54 -34.95
CA ASP A 32 -10.05 1.70 -35.42
C ASP A 32 -9.46 0.33 -35.78
N GLN A 33 -8.59 0.29 -36.79
CA GLN A 33 -8.09 -0.94 -37.45
C GLN A 33 -6.66 -1.24 -36.96
N ASP A 34 -5.86 -0.21 -36.68
CA ASP A 34 -4.46 -0.32 -36.18
C ASP A 34 -4.47 -0.15 -34.66
N HIS A 35 -5.35 -0.89 -33.95
CA HIS A 35 -5.46 -0.85 -32.46
C HIS A 35 -4.43 -1.81 -31.85
N PRO A 36 -3.68 -1.36 -30.81
CA PRO A 36 -2.59 -2.14 -30.24
C PRO A 36 -2.94 -3.35 -29.35
N TYR A 37 -4.22 -3.52 -29.00
CA TYR A 37 -4.64 -4.52 -27.98
C TYR A 37 -4.57 -5.90 -28.62
N LYS A 38 -3.90 -6.85 -27.95
CA LYS A 38 -3.98 -8.30 -28.27
C LYS A 38 -4.82 -9.00 -27.19
N THR A 39 -4.46 -8.85 -25.92
CA THR A 39 -5.07 -9.59 -24.78
C THR A 39 -6.31 -8.89 -24.21
N TRP A 40 -6.45 -7.57 -24.48
CA TRP A 40 -7.66 -6.77 -24.15
C TRP A 40 -8.61 -6.81 -25.35
N ALA A 41 -9.86 -7.24 -25.15
CA ALA A 41 -10.97 -7.07 -26.12
C ALA A 41 -11.19 -5.58 -26.34
N TYR A 42 -11.21 -5.19 -27.62
CA TYR A 42 -11.28 -3.78 -28.11
C TYR A 42 -12.69 -3.52 -28.65
N HIS A 43 -13.23 -2.32 -28.41
CA HIS A 43 -14.64 -2.08 -28.81
C HIS A 43 -14.83 -0.80 -29.62
N GLY A 44 -13.98 0.21 -29.45
CA GLY A 44 -14.12 1.43 -30.27
C GLY A 44 -13.34 2.61 -29.71
N SER A 45 -13.47 3.78 -30.35
CA SER A 45 -12.68 5.00 -30.02
C SER A 45 -13.61 6.22 -30.04
N TYR A 46 -13.08 7.40 -29.65
CA TYR A 46 -13.78 8.72 -29.63
C TYR A 46 -12.76 9.82 -29.24
N GLU A 47 -13.12 11.09 -29.47
CA GLU A 47 -12.22 12.29 -29.44
C GLU A 47 -12.07 12.84 -28.02
N THR A 48 -10.82 13.08 -27.59
CA THR A 48 -10.42 13.76 -26.33
C THR A 48 -9.08 14.48 -26.57
N LYS A 49 -8.49 15.12 -25.56
CA LYS A 49 -7.13 15.74 -25.63
C LYS A 49 -6.77 16.37 -24.28
N GLN A 50 -5.88 15.72 -23.51
CA GLN A 50 -5.34 16.23 -22.21
C GLN A 50 -4.14 15.35 -21.82
N THR A 51 -3.57 15.56 -20.62
CA THR A 51 -2.31 14.91 -20.12
C THR A 51 -2.08 13.57 -20.84
N ALA A 54 -0.29 15.42 -14.72
CA ALA A 54 0.18 15.85 -13.38
C ALA A 54 1.55 15.23 -13.07
N SER A 55 2.63 16.02 -13.18
CA SER A 55 4.04 15.62 -12.90
C SER A 55 4.42 16.04 -11.46
N SER A 56 5.62 15.65 -11.03
CA SER A 56 6.14 15.82 -9.65
C SER A 56 6.86 17.17 -9.51
N MET A 57 6.43 17.98 -8.53
CA MET A 57 7.01 19.32 -8.23
C MET A 57 8.00 19.19 -7.06
N VAL A 58 8.94 20.10 -6.93
CA VAL A 58 9.88 20.08 -5.78
C VAL A 58 9.33 20.89 -4.61
N ASN A 59 9.40 20.33 -3.39
CA ASN A 59 9.13 21.03 -2.12
C ASN A 59 10.33 21.90 -1.74
N GLY A 60 10.23 23.21 -1.91
CA GLY A 60 11.35 24.15 -1.72
C GLY A 60 11.76 24.28 -0.26
N VAL A 61 10.82 24.10 0.67
CA VAL A 61 11.15 24.16 2.11
C VAL A 61 12.11 23.01 2.42
N VAL A 62 11.79 21.78 2.02
CA VAL A 62 12.64 20.59 2.32
C VAL A 62 13.98 20.74 1.56
N ARG A 63 13.95 21.15 0.29
CA ARG A 63 15.22 21.22 -0.49
C ARG A 63 16.15 22.30 0.08
N LEU A 64 15.65 23.46 0.50
CA LEU A 64 16.56 24.51 1.05
C LEU A 64 17.19 24.01 2.35
N LEU A 65 16.57 23.08 3.05
CA LEU A 65 17.12 22.59 4.34
C LEU A 65 17.88 21.27 4.19
N THR A 66 18.08 20.81 2.96
CA THR A 66 18.85 19.58 2.66
C THR A 66 19.85 19.88 1.52
N LYS A 67 20.60 20.95 1.63
CA LYS A 67 21.49 21.38 0.53
C LYS A 67 22.55 20.32 0.15
N PRO A 68 23.22 19.58 1.04
CA PRO A 68 24.25 18.63 0.61
C PRO A 68 23.73 17.62 -0.44
N TRP A 69 22.41 17.38 -0.42
CA TRP A 69 21.77 16.36 -1.29
C TRP A 69 21.52 16.95 -2.68
N ASP A 70 21.79 18.24 -2.89
CA ASP A 70 21.57 18.89 -4.21
C ASP A 70 22.55 18.35 -5.26
N ILE A 71 23.61 17.64 -4.84
CA ILE A 71 24.67 17.11 -5.75
C ILE A 71 24.67 15.58 -5.75
N ILE A 72 23.67 14.91 -5.15
CA ILE A 72 23.54 13.44 -5.08
C ILE A 72 22.52 13.01 -6.13
N PRO A 73 22.98 12.42 -7.28
CA PRO A 73 22.07 12.03 -8.36
C PRO A 73 20.92 11.13 -7.90
N MET A 74 21.14 10.24 -6.93
CA MET A 74 20.02 9.36 -6.50
C MET A 74 18.89 10.21 -5.91
N VAL A 75 19.18 11.35 -5.27
CA VAL A 75 18.12 12.26 -4.75
C VAL A 75 17.57 13.11 -5.89
N THR A 76 18.41 13.81 -6.66
CA THR A 76 18.00 14.86 -7.63
C THR A 76 17.24 14.23 -8.80
N GLN A 77 17.61 13.01 -9.21
CA GLN A 77 16.96 12.33 -10.36
C GLN A 77 15.57 11.84 -9.98
N MET A 78 15.31 11.59 -8.69
CA MET A 78 13.97 11.12 -8.24
C MET A 78 12.92 12.17 -8.63
N ALA A 79 13.29 13.47 -8.75
CA ALA A 79 12.31 14.55 -8.99
C ALA A 79 12.06 14.82 -10.48
N MET A 80 12.80 14.20 -11.41
CA MET A 80 12.66 14.46 -12.88
C MET A 80 11.63 13.50 -13.50
N THR A 81 11.29 13.69 -14.79
CA THR A 81 10.61 12.70 -15.66
C THR A 81 9.34 13.24 -16.31
N PHE A 92 5.14 -0.96 -16.54
CA PHE A 92 5.06 -1.40 -17.96
C PHE A 92 3.59 -1.49 -18.37
N LYS A 93 3.15 -0.63 -19.32
CA LYS A 93 1.80 -0.72 -19.95
C LYS A 93 1.83 -1.82 -21.02
N GLU A 94 3.00 -2.45 -21.20
CA GLU A 94 3.24 -3.64 -22.06
C GLU A 94 3.40 -4.87 -21.14
N LYS A 95 2.86 -4.78 -19.92
CA LYS A 95 2.67 -5.91 -18.97
C LYS A 95 1.17 -6.07 -18.63
N VAL A 96 0.39 -4.97 -18.67
CA VAL A 96 -1.10 -5.01 -18.59
C VAL A 96 -1.63 -5.79 -19.80
N ASP A 97 -0.98 -5.69 -20.96
CA ASP A 97 -1.34 -6.42 -22.20
C ASP A 97 -0.50 -7.73 -22.27
N THR A 98 -0.53 -8.55 -21.21
CA THR A 98 -0.07 -9.97 -21.18
C THR A 98 -1.23 -10.85 -20.70
N ARG A 99 -1.14 -12.16 -20.89
CA ARG A 99 -2.22 -13.15 -20.58
C ARG A 99 -1.66 -14.25 -19.68
N THR A 100 -2.38 -14.58 -18.59
CA THR A 100 -2.06 -15.72 -17.68
C THR A 100 -2.86 -16.95 -18.12
N GLN A 101 -2.23 -18.12 -18.16
CA GLN A 101 -2.88 -19.42 -18.49
C GLN A 101 -3.82 -19.82 -17.35
N GLU A 102 -4.80 -20.69 -17.61
CA GLU A 102 -5.69 -21.26 -16.57
C GLU A 102 -4.89 -22.31 -15.78
N PRO A 103 -4.92 -22.25 -14.43
CA PRO A 103 -4.24 -23.26 -13.62
C PRO A 103 -4.78 -24.67 -13.93
N LYS A 104 -3.96 -25.69 -13.70
CA LYS A 104 -4.36 -27.13 -13.71
C LYS A 104 -5.46 -27.39 -12.67
N GLU A 105 -6.14 -28.52 -12.81
CA GLU A 105 -7.32 -28.91 -11.98
C GLU A 105 -6.88 -29.10 -10.53
N GLY A 106 -5.70 -29.70 -10.30
CA GLY A 106 -5.14 -29.90 -8.96
C GLY A 106 -4.85 -28.56 -8.27
N THR A 107 -4.29 -27.59 -9.01
CA THR A 107 -4.05 -26.21 -8.51
C THR A 107 -5.39 -25.59 -8.08
N LYS A 108 -6.35 -25.48 -9.01
CA LYS A 108 -7.75 -24.98 -8.77
C LYS A 108 -8.40 -25.64 -7.54
N LYS A 109 -8.25 -26.95 -7.35
CA LYS A 109 -8.76 -27.65 -6.14
C LYS A 109 -8.10 -27.07 -4.88
N LEU A 110 -6.77 -26.98 -4.86
CA LEU A 110 -5.93 -26.51 -3.71
C LEU A 110 -6.40 -25.11 -3.32
N MET A 111 -6.58 -24.24 -4.31
CA MET A 111 -6.98 -22.82 -4.13
C MET A 111 -8.41 -22.73 -3.54
N LYS A 112 -9.35 -23.58 -3.99
CA LYS A 112 -10.78 -23.51 -3.59
C LYS A 112 -10.88 -23.98 -2.15
N ILE A 113 -10.26 -25.11 -1.82
CA ILE A 113 -10.24 -25.63 -0.41
C ILE A 113 -9.61 -24.59 0.51
N THR A 114 -8.49 -23.97 0.08
CA THR A 114 -7.72 -23.04 0.95
C THR A 114 -8.52 -21.78 1.19
N ALA A 115 -9.08 -21.23 0.10
CA ALA A 115 -9.88 -20.00 0.09
C ALA A 115 -11.13 -20.18 0.97
N GLU A 116 -11.83 -21.31 0.82
CA GLU A 116 -13.04 -21.64 1.64
C GLU A 116 -12.63 -21.61 3.11
N TRP A 117 -11.55 -22.31 3.47
CA TRP A 117 -11.07 -22.41 4.87
C TRP A 117 -10.64 -21.01 5.38
N LEU A 118 -10.03 -20.18 4.52
CA LEU A 118 -9.40 -18.90 4.97
C LEU A 118 -10.51 -17.87 5.23
N TRP A 119 -11.52 -17.75 4.36
CA TRP A 119 -12.72 -16.89 4.63
C TRP A 119 -13.43 -17.32 5.93
N LYS A 120 -13.57 -18.62 6.19
CA LYS A 120 -14.18 -19.07 7.47
C LYS A 120 -13.30 -18.60 8.61
N GLU A 121 -11.98 -18.76 8.53
CA GLU A 121 -11.10 -18.32 9.65
C GLU A 121 -11.27 -16.82 9.84
N LEU A 122 -11.29 -16.04 8.74
CA LEU A 122 -11.26 -14.56 8.86
C LEU A 122 -12.61 -14.11 9.45
N GLY A 123 -13.66 -14.88 9.18
CA GLY A 123 -15.07 -14.61 9.55
C GLY A 123 -15.39 -15.11 10.96
N LYS A 124 -14.54 -15.91 11.61
CA LYS A 124 -14.89 -16.46 12.94
C LYS A 124 -15.26 -15.33 13.92
N LYS A 125 -14.53 -14.21 13.91
CA LYS A 125 -14.70 -13.15 14.93
C LYS A 125 -15.08 -11.83 14.26
N LYS A 126 -15.62 -11.87 13.05
CA LYS A 126 -15.99 -10.65 12.32
C LYS A 126 -17.36 -10.89 11.69
N THR A 127 -18.13 -9.81 11.49
CA THR A 127 -19.46 -9.85 10.85
C THR A 127 -19.45 -8.97 9.62
N PRO A 128 -19.57 -9.54 8.42
CA PRO A 128 -19.71 -8.73 7.21
C PRO A 128 -20.88 -7.75 7.41
N ARG A 129 -20.77 -6.56 6.84
CA ARG A 129 -21.84 -5.53 6.96
C ARG A 129 -21.63 -4.50 5.86
N MET A 130 -22.69 -3.79 5.50
CA MET A 130 -22.61 -2.71 4.48
C MET A 130 -21.99 -1.48 5.15
N CYS A 131 -21.21 -0.72 4.39
CA CYS A 131 -20.72 0.62 4.82
C CYS A 131 -21.73 1.68 4.35
N THR A 132 -21.75 2.85 4.98
CA THR A 132 -22.88 3.81 4.82
C THR A 132 -22.43 5.07 4.09
N ARG A 133 -23.38 5.73 3.41
CA ARG A 133 -23.29 7.13 2.91
C ARG A 133 -22.57 7.97 3.97
N GLU A 134 -23.04 7.91 5.22
CA GLU A 134 -22.52 8.75 6.32
C GLU A 134 -21.03 8.45 6.47
N GLU A 135 -20.64 7.17 6.54
CA GLU A 135 -19.21 6.75 6.65
C GLU A 135 -18.42 7.29 5.46
N PHE A 136 -18.99 7.15 4.24
CA PHE A 136 -18.36 7.54 2.95
C PHE A 136 -18.17 9.06 2.88
N THR A 137 -19.21 9.82 3.26
CA THR A 137 -19.21 11.31 3.31
C THR A 137 -18.06 11.78 4.20
N ARG A 138 -17.95 11.24 5.42
CA ARG A 138 -16.91 11.63 6.40
C ARG A 138 -15.52 11.39 5.79
N LYS A 139 -15.33 10.26 5.11
CA LYS A 139 -14.04 9.91 4.44
C LYS A 139 -13.64 11.04 3.49
N VAL A 140 -14.55 11.45 2.59
CA VAL A 140 -14.27 12.47 1.55
C VAL A 140 -14.02 13.81 2.23
N ARG A 141 -14.73 14.09 3.34
CA ARG A 141 -14.67 15.37 4.08
C ARG A 141 -13.42 15.45 4.96
N SER A 142 -12.45 14.54 4.79
CA SER A 142 -11.12 14.62 5.46
C SER A 142 -10.04 13.88 4.64
N ASN A 143 -10.22 13.80 3.31
CA ASN A 143 -9.21 13.35 2.33
C ASN A 143 -8.71 11.92 2.63
N ALA A 144 -9.20 10.95 1.85
CA ALA A 144 -8.54 9.64 1.61
C ALA A 144 -8.46 9.47 0.09
N ALA A 145 -7.38 8.87 -0.42
CA ALA A 145 -7.13 8.66 -1.86
C ALA A 145 -8.12 7.63 -2.43
N LEU A 146 -9.40 8.00 -2.49
CA LEU A 146 -10.53 7.09 -2.87
C LEU A 146 -10.49 6.80 -4.37
N GLY A 147 -9.77 7.61 -5.14
CA GLY A 147 -9.62 7.45 -6.60
C GLY A 147 -10.95 7.58 -7.33
N ALA A 148 -11.52 8.78 -7.36
CA ALA A 148 -12.72 9.15 -8.17
C ALA A 148 -12.28 10.05 -9.33
N ILE A 149 -13.21 10.56 -10.14
CA ILE A 149 -12.95 11.50 -11.28
C ILE A 149 -13.74 12.79 -11.07
N PHE A 150 -13.20 13.93 -11.55
CA PHE A 150 -13.77 15.30 -11.43
C PHE A 150 -15.17 15.34 -12.05
N ASN A 154 -18.12 15.27 -16.27
CA ASN A 154 -18.15 15.91 -14.91
C ASN A 154 -19.57 16.44 -14.64
N LYS A 155 -19.75 17.18 -13.54
CA LYS A 155 -21.07 17.63 -13.00
C LYS A 155 -20.86 18.38 -11.68
N TRP A 156 -19.89 17.94 -10.86
CA TRP A 156 -19.34 18.62 -9.65
C TRP A 156 -17.81 18.70 -9.77
N LYS A 157 -17.18 19.66 -9.08
CA LYS A 157 -15.70 19.86 -9.10
C LYS A 157 -15.04 18.71 -8.32
N SER A 158 -14.84 18.91 -7.01
CA SER A 158 -14.16 17.95 -6.10
C SER A 158 -15.12 16.83 -5.72
N ALA A 159 -14.62 15.85 -4.97
CA ALA A 159 -15.42 14.79 -4.33
C ALA A 159 -16.28 15.42 -3.23
N ARG A 160 -15.68 16.34 -2.47
CA ARG A 160 -16.28 17.10 -1.34
C ARG A 160 -17.69 17.59 -1.71
N GLU A 161 -17.86 18.21 -2.88
CA GLU A 161 -19.13 18.87 -3.30
C GLU A 161 -20.22 17.84 -3.55
N ALA A 162 -19.98 16.91 -4.49
CA ALA A 162 -20.93 15.91 -5.01
C ALA A 162 -21.64 15.16 -3.87
N VAL A 163 -20.95 15.07 -2.72
CA VAL A 163 -21.36 14.26 -1.54
C VAL A 163 -22.50 14.97 -0.79
N GLU A 164 -22.60 16.30 -0.91
CA GLU A 164 -23.64 17.13 -0.22
C GLU A 164 -24.86 17.31 -1.14
N ASP A 165 -24.67 17.24 -2.46
CA ASP A 165 -25.77 17.30 -3.47
C ASP A 165 -26.53 15.97 -3.48
N SER A 166 -27.85 16.04 -3.58
CA SER A 166 -28.80 14.90 -3.47
C SER A 166 -29.02 14.24 -4.84
N GLY A 167 -28.73 14.95 -5.93
CA GLY A 167 -28.80 14.43 -7.31
C GLY A 167 -27.93 13.20 -7.46
N PHE A 168 -26.61 13.39 -7.29
CA PHE A 168 -25.59 12.33 -7.09
C PHE A 168 -26.23 11.06 -6.53
N TRP A 169 -26.77 11.15 -5.31
CA TRP A 169 -27.31 9.97 -4.57
C TRP A 169 -28.47 9.32 -5.37
N GLU A 170 -29.16 10.07 -6.24
CA GLU A 170 -30.20 9.49 -7.14
C GLU A 170 -29.49 8.72 -8.26
N LEU A 171 -28.40 9.27 -8.80
CA LEU A 171 -27.51 8.56 -9.77
C LEU A 171 -27.10 7.23 -9.12
N VAL A 172 -26.55 7.31 -7.89
CA VAL A 172 -26.14 6.17 -7.04
C VAL A 172 -27.30 5.18 -6.90
N ASP A 173 -28.50 5.69 -6.60
CA ASP A 173 -29.72 4.85 -6.44
C ASP A 173 -30.02 4.11 -7.74
N LYS A 174 -30.03 4.80 -8.88
CA LYS A 174 -30.40 4.15 -10.16
C LYS A 174 -29.46 2.95 -10.36
N GLU A 175 -28.14 3.21 -10.28
CA GLU A 175 -27.07 2.20 -10.46
C GLU A 175 -27.30 1.03 -9.49
N ARG A 176 -27.48 1.36 -8.21
CA ARG A 176 -27.75 0.39 -7.10
C ARG A 176 -28.88 -0.55 -7.50
N ASN A 177 -30.03 0.00 -7.91
CA ASN A 177 -31.23 -0.81 -8.28
C ASN A 177 -30.88 -1.63 -9.53
N LEU A 178 -30.15 -1.02 -10.47
CA LEU A 178 -29.57 -1.75 -11.64
C LEU A 178 -28.75 -2.96 -11.17
N HIS A 179 -27.85 -2.78 -10.19
CA HIS A 179 -27.03 -3.90 -9.64
C HIS A 179 -27.91 -4.97 -8.97
N LEU A 180 -28.95 -4.59 -8.21
CA LEU A 180 -29.94 -5.58 -7.65
C LEU A 180 -30.59 -6.35 -8.79
N GLU A 181 -30.71 -5.71 -9.96
CA GLU A 181 -31.31 -6.28 -11.20
C GLU A 181 -30.25 -7.06 -12.02
N GLY A 182 -29.00 -7.18 -11.52
CA GLY A 182 -27.93 -7.98 -12.16
C GLY A 182 -27.33 -7.31 -13.41
N LYS A 183 -27.45 -5.99 -13.52
CA LYS A 183 -26.99 -5.18 -14.67
C LYS A 183 -26.18 -3.98 -14.18
N CYS A 184 -25.45 -3.32 -15.06
CA CYS A 184 -24.52 -2.20 -14.76
C CYS A 184 -24.54 -1.19 -15.92
N GLU A 185 -24.40 0.11 -15.62
CA GLU A 185 -24.45 1.18 -16.66
C GLU A 185 -23.26 2.16 -16.54
N THR A 186 -22.77 2.47 -15.34
CA THR A 186 -21.84 3.61 -15.14
C THR A 186 -20.57 3.19 -14.39
N CYS A 187 -20.35 1.91 -14.13
CA CYS A 187 -19.16 1.39 -13.38
C CYS A 187 -18.04 1.04 -14.38
N VAL A 188 -17.35 2.08 -14.86
CA VAL A 188 -16.33 2.05 -15.94
C VAL A 188 -14.97 2.52 -15.42
N TYR A 189 -13.94 1.71 -15.61
CA TYR A 189 -12.54 2.03 -15.20
C TYR A 189 -11.93 3.05 -16.18
N ASN A 190 -11.06 3.91 -15.64
CA ASN A 190 -10.25 4.92 -16.38
C ASN A 190 -8.77 4.69 -16.09
N MET A 191 -8.00 4.19 -17.07
CA MET A 191 -6.58 3.77 -16.90
C MET A 191 -5.68 5.00 -16.80
N MET A 192 -4.52 4.87 -16.12
CA MET A 192 -3.48 5.92 -15.95
C MET A 192 -2.28 5.37 -15.16
N SER A 208 6.05 -0.02 -12.90
CA SER A 208 5.18 -1.19 -12.60
C SER A 208 3.92 -0.72 -11.84
N ARG A 209 3.32 0.41 -12.27
CA ARG A 209 2.10 1.01 -11.68
C ARG A 209 1.04 1.18 -12.78
N ALA A 210 -0.25 1.13 -12.41
CA ALA A 210 -1.41 1.28 -13.31
C ALA A 210 -2.68 1.49 -12.49
N ILE A 211 -3.11 2.74 -12.31
CA ILE A 211 -4.15 3.16 -11.31
C ILE A 211 -5.47 3.45 -12.04
N TRP A 212 -6.50 2.65 -11.77
CA TRP A 212 -7.83 2.70 -12.45
C TRP A 212 -8.82 3.48 -11.57
N TYR A 213 -8.94 4.79 -11.81
CA TYR A 213 -9.97 5.69 -11.23
C TYR A 213 -11.35 5.32 -11.82
N MET A 214 -12.38 5.28 -10.97
CA MET A 214 -13.82 5.22 -11.34
C MET A 214 -14.45 6.53 -10.89
N TRP A 215 -15.68 6.83 -11.32
CA TRP A 215 -16.40 8.02 -10.79
C TRP A 215 -16.83 7.73 -9.35
N LEU A 216 -17.00 8.79 -8.56
CA LEU A 216 -17.23 8.72 -7.09
C LEU A 216 -18.37 7.73 -6.80
N GLY A 217 -19.42 7.75 -7.62
CA GLY A 217 -20.63 6.92 -7.45
C GLY A 217 -20.29 5.44 -7.38
N ALA A 218 -19.57 4.94 -8.38
CA ALA A 218 -19.12 3.53 -8.49
C ALA A 218 -18.23 3.15 -7.30
N ARG A 219 -17.44 4.11 -6.80
CA ARG A 219 -16.54 3.94 -5.62
C ARG A 219 -17.39 3.75 -4.37
N PHE A 220 -18.47 4.53 -4.25
CA PHE A 220 -19.43 4.38 -3.14
C PHE A 220 -19.97 2.95 -3.11
N LEU A 221 -20.49 2.50 -4.25
CA LEU A 221 -21.13 1.17 -4.36
C LEU A 221 -20.09 0.09 -4.07
N GLU A 222 -18.84 0.29 -4.49
CA GLU A 222 -17.75 -0.63 -4.12
C GLU A 222 -17.56 -0.58 -2.59
N PHE A 223 -17.53 0.62 -2.00
CA PHE A 223 -17.25 0.83 -0.55
C PHE A 223 -18.38 0.27 0.30
N GLU A 224 -19.62 0.45 -0.16
CA GLU A 224 -20.87 -0.01 0.53
C GLU A 224 -20.82 -1.53 0.66
N ALA A 225 -20.31 -2.20 -0.36
CA ALA A 225 -20.37 -3.68 -0.46
C ALA A 225 -19.15 -4.32 0.22
N LEU A 226 -17.96 -3.71 0.11
CA LEU A 226 -16.68 -4.40 0.41
C LEU A 226 -15.81 -3.60 1.38
N GLY A 227 -16.20 -2.37 1.72
CA GLY A 227 -15.47 -1.47 2.63
C GLY A 227 -15.26 -2.08 3.98
N PHE A 228 -16.15 -2.98 4.40
CA PHE A 228 -16.03 -3.63 5.72
C PHE A 228 -14.67 -4.32 5.89
N LEU A 229 -14.09 -4.87 4.82
CA LEU A 229 -12.78 -5.59 4.87
C LEU A 229 -11.71 -4.71 5.52
N ASN A 230 -11.64 -3.45 5.08
CA ASN A 230 -10.70 -2.45 5.61
C ASN A 230 -11.28 -1.78 6.86
N GLU A 231 -12.53 -1.27 6.78
CA GLU A 231 -13.16 -0.49 7.88
C GLU A 231 -13.14 -1.29 9.19
N ASP A 232 -13.33 -2.63 9.13
CA ASP A 232 -13.43 -3.49 10.33
C ASP A 232 -12.20 -4.40 10.45
N HIS A 233 -11.13 -4.11 9.73
CA HIS A 233 -9.76 -4.63 10.03
C HIS A 233 -9.74 -6.15 9.94
N TRP A 234 -10.25 -6.70 8.85
CA TRP A 234 -10.27 -8.18 8.62
C TRP A 234 -8.81 -8.70 8.49
N PHE A 235 -7.89 -7.87 8.01
CA PHE A 235 -6.46 -8.24 7.80
C PHE A 235 -5.57 -7.67 8.92
N SER A 236 -6.13 -7.26 10.05
CA SER A 236 -5.33 -7.01 11.27
C SER A 236 -4.51 -8.27 11.60
N ARG A 237 -3.44 -8.15 12.35
CA ARG A 237 -2.66 -9.35 12.74
C ARG A 237 -3.47 -10.23 13.69
N GLU A 238 -4.18 -9.61 14.64
CA GLU A 238 -5.02 -10.31 15.66
C GLU A 238 -6.04 -11.18 14.92
N ASN A 239 -6.67 -10.66 13.89
CA ASN A 239 -7.75 -11.37 13.19
C ASN A 239 -7.25 -12.37 12.14
N SER A 240 -6.20 -12.08 11.35
CA SER A 240 -5.79 -12.86 10.14
C SER A 240 -4.49 -13.65 10.38
N LEU A 241 -3.71 -13.31 11.41
CA LEU A 241 -2.48 -14.00 11.91
C LEU A 241 -1.26 -13.72 11.01
N SER A 242 -1.46 -13.64 9.69
CA SER A 242 -0.41 -13.30 8.69
C SER A 242 -0.40 -11.81 8.43
N GLY A 243 -1.56 -11.18 8.54
CA GLY A 243 -1.74 -9.79 8.13
C GLY A 243 -1.04 -8.83 9.06
N VAL A 244 -0.94 -7.60 8.61
CA VAL A 244 -0.37 -6.45 9.37
C VAL A 244 -1.23 -5.19 9.12
N GLU A 245 -2.49 -5.32 8.68
CA GLU A 245 -3.29 -4.09 8.34
C GLU A 245 -3.43 -3.23 9.61
N GLY A 246 -3.11 -1.95 9.49
CA GLY A 246 -3.19 -1.00 10.63
C GLY A 246 -2.01 -1.04 11.60
N GLU A 247 -0.95 -1.79 11.29
CA GLU A 247 0.22 -1.90 12.19
C GLU A 247 0.93 -0.54 12.23
N GLY A 248 1.72 -0.21 11.21
CA GLY A 248 2.63 0.96 11.27
C GLY A 248 4.09 0.53 11.36
N LEU A 249 4.98 1.39 10.88
N LEU A 249 5.03 1.32 10.81
CA LEU A 249 6.41 1.10 10.61
CA LEU A 249 6.46 0.95 10.62
C LEU A 249 7.14 0.77 11.92
C LEU A 249 7.11 0.65 11.97
N HIS A 250 6.64 1.30 13.04
CA HIS A 250 7.14 1.08 14.42
C HIS A 250 6.75 -0.29 14.96
N LYS A 251 5.84 -1.02 14.28
CA LYS A 251 5.38 -2.37 14.69
C LYS A 251 6.01 -3.45 13.80
N LEU A 252 6.25 -3.17 12.52
CA LEU A 252 6.59 -4.22 11.50
C LEU A 252 7.88 -4.96 11.85
N GLY A 253 8.88 -4.27 12.38
CA GLY A 253 10.15 -4.92 12.73
C GLY A 253 10.00 -5.86 13.92
N TYR A 254 9.18 -5.48 14.90
CA TYR A 254 8.90 -6.36 16.07
C TYR A 254 8.13 -7.61 15.58
N ILE A 255 7.23 -7.42 14.65
CA ILE A 255 6.48 -8.55 14.03
C ILE A 255 7.47 -9.47 13.29
N LEU A 256 8.35 -8.97 12.42
CA LEU A 256 9.34 -9.83 11.75
C LEU A 256 10.19 -10.58 12.78
N ARG A 257 10.63 -9.90 13.85
CA ARG A 257 11.45 -10.52 14.92
C ARG A 257 10.66 -11.64 15.63
N ASP A 258 9.35 -11.46 15.83
CA ASP A 258 8.49 -12.53 16.43
C ASP A 258 8.46 -13.73 15.48
N VAL A 259 8.27 -13.55 14.19
CA VAL A 259 8.32 -14.65 13.20
C VAL A 259 9.69 -15.35 13.29
N SER A 260 10.78 -14.61 13.45
CA SER A 260 12.16 -15.18 13.47
C SER A 260 12.29 -16.16 14.65
N LYS A 261 11.48 -16.00 15.68
CA LYS A 261 11.58 -16.75 16.96
C LYS A 261 11.05 -18.17 16.80
N LYS A 262 10.18 -18.39 15.81
CA LYS A 262 9.62 -19.71 15.43
C LYS A 262 10.75 -20.63 14.95
N GLU A 263 10.72 -21.89 15.37
CA GLU A 263 11.60 -22.94 14.79
C GLU A 263 11.23 -23.04 13.31
N GLY A 264 12.22 -23.12 12.42
CA GLY A 264 11.96 -23.36 10.99
C GLY A 264 13.19 -23.09 10.16
N GLY A 265 13.03 -22.82 8.87
CA GLY A 265 14.18 -22.60 7.98
C GLY A 265 14.51 -21.12 7.81
N ALA A 266 15.02 -20.75 6.65
CA ALA A 266 15.36 -19.36 6.29
C ALA A 266 14.07 -18.53 6.27
N MET A 267 14.21 -17.20 6.22
CA MET A 267 13.08 -16.29 5.93
C MET A 267 13.08 -16.02 4.42
N TYR A 268 11.95 -16.24 3.76
CA TYR A 268 11.78 -16.03 2.31
C TYR A 268 10.92 -14.80 2.09
N ALA A 269 11.36 -13.99 1.14
CA ALA A 269 10.69 -12.74 0.79
C ALA A 269 10.78 -12.59 -0.71
N ASP A 270 10.08 -13.45 -1.45
CA ASP A 270 10.02 -13.40 -2.93
C ASP A 270 8.93 -12.41 -3.33
N ASP A 271 9.28 -11.42 -4.14
CA ASP A 271 8.33 -10.50 -4.83
C ASP A 271 7.79 -11.20 -6.07
N THR A 272 6.53 -10.93 -6.41
CA THR A 272 5.89 -11.38 -7.66
C THR A 272 6.18 -10.31 -8.70
N ALA A 273 6.48 -10.73 -9.92
CA ALA A 273 6.54 -9.83 -11.09
C ALA A 273 5.12 -9.41 -11.47
N GLY A 274 4.78 -8.12 -11.30
CA GLY A 274 3.49 -7.50 -11.63
C GLY A 274 2.31 -8.26 -11.04
N TRP A 275 2.20 -8.28 -9.72
CA TRP A 275 1.15 -9.04 -9.00
C TRP A 275 -0.27 -8.83 -9.57
N ASP A 276 -0.67 -7.57 -9.78
CA ASP A 276 -2.05 -7.19 -10.20
C ASP A 276 -2.37 -7.78 -11.58
N THR A 277 -1.35 -7.96 -12.43
CA THR A 277 -1.49 -8.49 -13.81
C THR A 277 -1.59 -10.02 -13.80
N ARG A 278 -1.22 -10.67 -12.69
CA ARG A 278 -1.23 -12.16 -12.57
C ARG A 278 -2.44 -12.66 -11.78
N ILE A 279 -3.39 -11.81 -11.46
CA ILE A 279 -4.66 -12.24 -10.78
C ILE A 279 -5.52 -12.94 -11.83
N THR A 280 -5.80 -14.22 -11.62
CA THR A 280 -6.54 -15.09 -12.57
C THR A 280 -8.04 -14.94 -12.30
N LEU A 281 -8.89 -15.28 -13.27
CA LEU A 281 -10.36 -15.31 -13.02
C LEU A 281 -10.61 -16.31 -11.88
N GLU A 282 -9.79 -17.35 -11.72
CA GLU A 282 -9.96 -18.32 -10.60
C GLU A 282 -9.68 -17.66 -9.23
N ASP A 283 -8.67 -16.82 -9.15
CA ASP A 283 -8.41 -15.93 -7.98
C ASP A 283 -9.67 -15.08 -7.72
N LEU A 284 -10.17 -14.34 -8.71
CA LEU A 284 -11.36 -13.45 -8.57
C LEU A 284 -12.59 -14.23 -8.05
N LYS A 285 -12.75 -15.50 -8.43
CA LYS A 285 -13.84 -16.40 -7.98
C LYS A 285 -13.61 -16.88 -6.54
N ASN A 286 -12.38 -17.18 -6.14
CA ASN A 286 -12.12 -17.56 -4.73
C ASN A 286 -12.31 -16.32 -3.83
N GLU A 287 -11.96 -15.13 -4.30
CA GLU A 287 -12.16 -13.87 -3.52
C GLU A 287 -13.67 -13.64 -3.30
N GLU A 288 -14.49 -13.92 -4.32
N GLU A 288 -14.48 -13.93 -4.33
CA GLU A 288 -15.96 -13.73 -4.31
CA GLU A 288 -15.96 -13.75 -4.32
C GLU A 288 -16.62 -14.62 -3.24
C GLU A 288 -16.61 -14.61 -3.24
N MET A 289 -15.96 -15.70 -2.81
CA MET A 289 -16.52 -16.61 -1.78
C MET A 289 -16.74 -15.89 -0.44
N VAL A 290 -16.20 -14.68 -0.26
CA VAL A 290 -16.54 -13.89 0.95
C VAL A 290 -18.06 -13.63 0.97
N THR A 291 -18.73 -13.51 -0.18
CA THR A 291 -20.21 -13.33 -0.26
C THR A 291 -20.99 -14.50 0.39
N ASN A 292 -20.39 -15.69 0.46
CA ASN A 292 -21.00 -16.85 1.18
C ASN A 292 -21.18 -16.57 2.68
N HIS A 293 -20.59 -15.49 3.23
CA HIS A 293 -20.68 -15.20 4.68
C HIS A 293 -21.69 -14.08 4.92
N MET A 294 -22.30 -13.61 3.84
CA MET A 294 -23.15 -12.41 3.78
C MET A 294 -24.62 -12.85 3.71
N GLU A 295 -25.54 -11.88 3.74
CA GLU A 295 -26.99 -12.13 3.72
C GLU A 295 -27.76 -10.92 3.21
N GLY A 296 -29.00 -11.17 2.81
CA GLY A 296 -29.97 -10.14 2.43
C GLY A 296 -29.45 -9.35 1.26
N GLU A 297 -29.77 -8.05 1.26
CA GLU A 297 -29.33 -7.04 0.26
C GLU A 297 -27.80 -7.11 0.08
N HIS A 298 -27.04 -7.10 1.18
CA HIS A 298 -25.56 -6.98 1.18
C HIS A 298 -25.01 -8.07 0.26
N LYS A 299 -25.39 -9.31 0.52
CA LYS A 299 -24.96 -10.48 -0.27
C LYS A 299 -25.18 -10.19 -1.75
N LYS A 300 -26.29 -9.55 -2.11
CA LYS A 300 -26.64 -9.28 -3.54
C LYS A 300 -25.80 -8.13 -4.06
N LEU A 301 -25.64 -7.06 -3.30
CA LEU A 301 -24.81 -5.89 -3.69
C LEU A 301 -23.34 -6.34 -3.93
N ALA A 302 -22.79 -7.20 -3.05
CA ALA A 302 -21.39 -7.70 -3.12
C ALA A 302 -21.20 -8.60 -4.33
N GLU A 303 -22.16 -9.50 -4.58
CA GLU A 303 -22.14 -10.43 -5.74
C GLU A 303 -22.10 -9.61 -7.03
N ALA A 304 -22.79 -8.49 -7.04
CA ALA A 304 -22.91 -7.61 -8.22
C ALA A 304 -21.54 -6.96 -8.49
N ILE A 305 -20.91 -6.42 -7.45
CA ILE A 305 -19.56 -5.79 -7.59
C ILE A 305 -18.63 -6.86 -8.17
N PHE A 306 -18.55 -8.05 -7.58
CA PHE A 306 -17.66 -9.14 -8.03
C PHE A 306 -17.95 -9.55 -9.48
N LYS A 307 -19.21 -9.88 -9.82
CA LYS A 307 -19.71 -10.26 -11.19
C LYS A 307 -19.47 -9.14 -12.20
N LEU A 308 -19.92 -7.91 -11.92
CA LEU A 308 -20.15 -6.88 -12.97
C LEU A 308 -18.94 -5.95 -13.14
N THR A 309 -18.15 -5.75 -12.08
CA THR A 309 -17.04 -4.75 -12.08
C THR A 309 -15.68 -5.44 -12.00
N TYR A 310 -15.56 -6.60 -11.35
CA TYR A 310 -14.26 -7.28 -11.07
C TYR A 310 -14.07 -8.40 -12.10
N GLN A 311 -15.04 -9.31 -12.27
CA GLN A 311 -14.95 -10.51 -13.14
C GLN A 311 -15.31 -10.18 -14.61
N ASN A 312 -15.80 -8.96 -14.84
CA ASN A 312 -15.98 -8.31 -16.17
C ASN A 312 -15.70 -6.82 -15.97
N LYS A 313 -14.85 -6.20 -16.78
CA LYS A 313 -14.47 -4.79 -16.57
C LYS A 313 -14.50 -4.04 -17.90
N VAL A 314 -14.76 -2.75 -17.82
CA VAL A 314 -14.82 -1.82 -18.98
C VAL A 314 -13.90 -0.69 -18.60
N VAL A 315 -13.01 -0.32 -19.52
CA VAL A 315 -11.90 0.62 -19.25
C VAL A 315 -11.80 1.59 -20.42
N ARG A 316 -11.56 2.85 -20.11
CA ARG A 316 -11.26 3.89 -21.11
C ARG A 316 -9.78 4.28 -20.97
N VAL A 317 -9.02 4.18 -22.05
CA VAL A 317 -7.55 4.40 -22.11
C VAL A 317 -7.24 5.54 -23.11
N GLN A 318 -6.25 6.39 -22.84
CA GLN A 318 -5.77 7.42 -23.79
C GLN A 318 -4.68 6.83 -24.71
N ARG A 319 -4.81 7.04 -26.03
CA ARG A 319 -3.84 6.64 -27.08
C ARG A 319 -3.52 7.86 -27.95
N PRO A 320 -2.23 8.19 -28.20
CA PRO A 320 -1.86 9.41 -28.93
C PRO A 320 -2.10 9.46 -30.45
N THR A 321 -2.21 8.30 -31.11
CA THR A 321 -2.37 8.15 -32.57
C THR A 321 -3.69 8.80 -33.03
N THR A 325 -4.88 12.08 -30.10
CA THR A 325 -5.31 11.51 -28.80
C THR A 325 -6.79 11.13 -28.88
N VAL A 326 -7.09 9.83 -28.91
CA VAL A 326 -8.48 9.27 -28.84
C VAL A 326 -8.69 8.70 -27.43
N MET A 327 -9.85 8.07 -27.20
CA MET A 327 -10.16 7.24 -26.00
C MET A 327 -10.61 5.85 -26.46
N ASP A 328 -9.88 4.80 -26.07
CA ASP A 328 -10.16 3.38 -26.40
C ASP A 328 -11.01 2.75 -25.29
N ILE A 329 -12.07 2.04 -25.68
CA ILE A 329 -13.01 1.37 -24.76
C ILE A 329 -12.74 -0.12 -24.88
N ILE A 330 -11.89 -0.61 -23.99
CA ILE A 330 -11.42 -2.01 -23.98
C ILE A 330 -12.06 -2.70 -22.78
N SER A 331 -12.12 -4.03 -22.82
CA SER A 331 -12.70 -4.89 -21.78
C SER A 331 -11.80 -6.12 -21.55
N ARG A 332 -11.87 -6.69 -20.35
CA ARG A 332 -11.30 -8.02 -20.04
C ARG A 332 -11.91 -8.52 -18.74
N ARG A 333 -11.73 -9.82 -18.47
CA ARG A 333 -12.39 -10.54 -17.36
C ARG A 333 -11.44 -10.65 -16.13
N ASP A 334 -10.12 -10.76 -16.34
CA ASP A 334 -9.13 -11.11 -15.28
C ASP A 334 -8.25 -9.89 -14.94
N GLN A 335 -7.24 -10.10 -14.07
CA GLN A 335 -6.33 -9.06 -13.52
C GLN A 335 -7.05 -8.25 -12.44
N ARG A 336 -6.29 -7.46 -11.68
CA ARG A 336 -6.81 -6.59 -10.59
C ARG A 336 -7.09 -5.18 -11.11
N GLY A 337 -8.31 -4.74 -10.79
CA GLY A 337 -8.93 -3.46 -11.11
C GLY A 337 -10.08 -3.27 -10.14
N SER A 338 -9.77 -2.61 -9.03
CA SER A 338 -10.68 -2.33 -7.91
C SER A 338 -10.17 -1.02 -7.29
N GLY A 339 -10.84 -0.50 -6.27
CA GLY A 339 -10.28 0.61 -5.47
C GLY A 339 -8.94 0.19 -4.91
N GLN A 340 -8.04 1.14 -4.63
CA GLN A 340 -6.70 0.83 -4.09
C GLN A 340 -6.91 0.10 -2.75
N VAL A 341 -7.95 0.42 -1.99
CA VAL A 341 -8.15 -0.11 -0.61
C VAL A 341 -8.74 -1.53 -0.63
N VAL A 342 -9.79 -1.80 -1.44
CA VAL A 342 -10.25 -3.21 -1.63
C VAL A 342 -9.14 -4.02 -2.30
N THR A 343 -8.39 -3.44 -3.23
CA THR A 343 -7.22 -4.10 -3.87
C THR A 343 -6.26 -4.61 -2.78
N TYR A 344 -5.99 -3.80 -1.74
CA TYR A 344 -5.03 -4.16 -0.66
C TYR A 344 -5.55 -5.42 0.04
N GLY A 345 -6.82 -5.42 0.45
CA GLY A 345 -7.41 -6.53 1.24
C GLY A 345 -7.46 -7.84 0.44
N LEU A 346 -7.86 -7.79 -0.81
CA LEU A 346 -8.01 -8.99 -1.65
C LEU A 346 -6.63 -9.49 -2.11
N ASN A 347 -5.69 -8.57 -2.35
CA ASN A 347 -4.26 -8.94 -2.55
C ASN A 347 -3.73 -9.68 -1.31
N THR A 348 -3.90 -9.14 -0.10
CA THR A 348 -3.50 -9.83 1.14
C THR A 348 -4.12 -11.24 1.21
N PHE A 349 -5.44 -11.35 1.00
CA PHE A 349 -6.17 -12.63 1.06
C PHE A 349 -5.54 -13.66 0.11
N THR A 350 -5.37 -13.28 -1.15
CA THR A 350 -4.95 -14.20 -2.23
C THR A 350 -3.47 -14.53 -2.03
N ASN A 351 -2.68 -13.58 -1.55
CA ASN A 351 -1.27 -13.81 -1.16
C ASN A 351 -1.22 -14.79 0.02
N MET A 352 -2.04 -14.60 1.06
CA MET A 352 -2.06 -15.58 2.19
C MET A 352 -2.35 -16.99 1.63
N GLU A 353 -3.26 -17.10 0.68
CA GLU A 353 -3.72 -18.39 0.09
C GLU A 353 -2.53 -19.04 -0.65
N ALA A 354 -1.91 -18.32 -1.57
CA ALA A 354 -0.75 -18.78 -2.36
C ALA A 354 0.38 -19.23 -1.44
N GLN A 355 0.69 -18.47 -0.39
CA GLN A 355 1.83 -18.83 0.49
C GLN A 355 1.49 -20.04 1.37
N LEU A 356 0.24 -20.26 1.80
CA LEU A 356 -0.14 -21.51 2.56
C LEU A 356 0.02 -22.72 1.63
N ILE A 357 -0.37 -22.56 0.38
CA ILE A 357 -0.26 -23.65 -0.64
C ILE A 357 1.23 -23.93 -0.91
N ARG A 358 2.07 -22.89 -1.07
CA ARG A 358 3.52 -23.11 -1.27
C ARG A 358 4.07 -23.81 -0.02
N GLN A 359 3.66 -23.41 1.18
CA GLN A 359 4.08 -24.15 2.39
C GLN A 359 3.56 -25.61 2.31
N MET A 360 2.36 -25.87 1.81
CA MET A 360 1.84 -27.27 1.75
C MET A 360 2.73 -28.12 0.82
N GLU A 361 3.13 -27.55 -0.30
CA GLU A 361 4.01 -28.21 -1.29
C GLU A 361 5.34 -28.53 -0.63
N GLY A 362 5.93 -27.58 0.11
CA GLY A 362 7.24 -27.80 0.75
C GLY A 362 7.17 -28.92 1.78
N GLU A 363 6.03 -29.11 2.43
CA GLU A 363 5.84 -30.13 3.49
C GLU A 363 5.35 -31.45 2.86
N GLY A 364 5.20 -31.51 1.54
CA GLY A 364 4.75 -32.72 0.83
C GLY A 364 3.34 -33.13 1.22
N VAL A 365 2.41 -32.18 1.37
CA VAL A 365 0.98 -32.45 1.72
C VAL A 365 0.31 -33.06 0.49
N PHE A 366 0.73 -32.65 -0.71
CA PHE A 366 0.29 -33.17 -2.03
C PHE A 366 1.49 -33.40 -2.96
N LYS A 367 1.32 -34.25 -3.97
CA LYS A 367 2.45 -34.80 -4.74
C LYS A 367 2.54 -34.06 -6.08
N SER A 368 1.40 -33.72 -6.68
CA SER A 368 1.33 -33.10 -8.01
C SER A 368 0.11 -32.20 -8.14
N ILE A 369 0.25 -31.18 -8.99
CA ILE A 369 -0.75 -30.10 -9.23
C ILE A 369 -1.66 -30.53 -10.38
N GLN A 370 -1.29 -31.59 -11.10
CA GLN A 370 -2.06 -32.07 -12.28
C GLN A 370 -3.47 -32.41 -11.78
N HIS A 371 -3.55 -33.03 -10.59
CA HIS A 371 -4.81 -33.58 -10.05
C HIS A 371 -4.58 -33.99 -8.60
N LEU A 372 -5.52 -33.60 -7.73
CA LEU A 372 -5.58 -34.09 -6.33
C LEU A 372 -6.44 -35.36 -6.33
N THR A 373 -5.94 -36.43 -5.73
CA THR A 373 -6.69 -37.65 -5.37
C THR A 373 -7.70 -37.26 -4.29
N VAL A 374 -8.63 -38.14 -3.92
CA VAL A 374 -9.65 -37.84 -2.87
C VAL A 374 -8.94 -37.76 -1.51
N THR A 375 -7.99 -38.66 -1.27
CA THR A 375 -7.27 -38.73 0.03
C THR A 375 -6.28 -37.55 0.13
N GLU A 376 -5.86 -36.96 -1.00
CA GLU A 376 -5.00 -35.73 -1.01
C GLU A 376 -5.87 -34.56 -0.55
N GLU A 377 -7.13 -34.46 -1.02
CA GLU A 377 -8.09 -33.44 -0.54
C GLU A 377 -8.27 -33.57 0.96
N ILE A 378 -8.53 -34.78 1.45
CA ILE A 378 -8.72 -35.00 2.91
C ILE A 378 -7.44 -34.53 3.61
N ALA A 379 -6.26 -34.86 3.08
CA ALA A 379 -4.93 -34.50 3.66
C ALA A 379 -4.77 -32.97 3.77
N VAL A 380 -5.14 -32.24 2.70
CA VAL A 380 -5.06 -30.78 2.60
C VAL A 380 -6.03 -30.16 3.62
N LYS A 381 -7.27 -30.67 3.66
CA LYS A 381 -8.32 -30.22 4.61
C LYS A 381 -7.80 -30.39 6.03
N ASN A 382 -7.17 -31.54 6.29
CA ASN A 382 -6.71 -31.95 7.64
C ASN A 382 -5.49 -31.13 8.10
N TRP A 383 -4.56 -30.87 7.18
CA TRP A 383 -3.39 -29.98 7.42
C TRP A 383 -3.92 -28.60 7.88
N LEU A 384 -4.85 -28.03 7.11
CA LEU A 384 -5.45 -26.70 7.37
C LEU A 384 -6.06 -26.66 8.78
N VAL A 385 -6.86 -27.68 9.14
CA VAL A 385 -7.61 -27.74 10.44
C VAL A 385 -6.60 -27.97 11.57
N ARG A 386 -5.57 -28.78 11.32
CA ARG A 386 -4.58 -29.19 12.34
C ARG A 386 -3.55 -28.08 12.56
N VAL A 387 -2.98 -27.52 11.49
CA VAL A 387 -1.82 -26.57 11.61
C VAL A 387 -1.97 -25.24 10.86
N GLY A 388 -3.08 -25.01 10.14
CA GLY A 388 -3.33 -23.82 9.30
C GLY A 388 -3.03 -22.51 10.04
N ARG A 389 -3.49 -22.37 11.27
CA ARG A 389 -3.33 -21.12 12.06
C ARG A 389 -1.86 -20.99 12.45
N GLU A 390 -1.21 -22.09 12.80
CA GLU A 390 0.24 -22.03 13.12
C GLU A 390 1.01 -21.55 11.87
N ARG A 391 0.61 -22.00 10.68
CA ARG A 391 1.33 -21.72 9.41
C ARG A 391 1.07 -20.26 8.99
N LEU A 392 -0.09 -19.70 9.33
CA LEU A 392 -0.43 -18.27 9.03
C LEU A 392 0.49 -17.40 9.90
N SER A 393 0.76 -17.83 11.12
CA SER A 393 1.52 -17.00 12.09
C SER A 393 2.99 -16.95 11.69
N ARG A 394 3.44 -17.80 10.75
CA ARG A 394 4.83 -17.87 10.24
C ARG A 394 5.02 -16.86 9.12
N MET A 395 3.98 -16.09 8.81
CA MET A 395 3.99 -15.11 7.71
C MET A 395 3.67 -13.68 8.15
N ALA A 396 4.25 -12.72 7.45
CA ALA A 396 3.88 -11.31 7.47
C ALA A 396 3.53 -10.94 6.02
N ILE A 397 2.28 -10.57 5.78
CA ILE A 397 1.74 -10.34 4.42
C ILE A 397 1.03 -8.98 4.38
N SER A 398 1.48 -8.13 3.47
CA SER A 398 0.96 -6.79 3.19
C SER A 398 0.65 -6.67 1.72
N GLY A 399 -0.60 -6.95 1.31
CA GLY A 399 -0.92 -6.99 -0.12
C GLY A 399 -0.05 -7.98 -0.87
N ASP A 400 0.62 -7.54 -1.94
CA ASP A 400 1.46 -8.44 -2.77
C ASP A 400 2.81 -8.70 -2.09
N ASP A 401 3.07 -8.11 -0.93
CA ASP A 401 4.40 -8.25 -0.28
C ASP A 401 4.31 -9.31 0.82
N CYS A 402 5.30 -10.19 0.93
CA CYS A 402 5.30 -11.23 1.98
C CYS A 402 6.70 -11.55 2.49
N VAL A 403 6.70 -12.08 3.71
CA VAL A 403 7.83 -12.74 4.41
C VAL A 403 7.25 -14.03 4.98
N VAL A 404 7.89 -15.16 4.69
CA VAL A 404 7.49 -16.51 5.19
C VAL A 404 8.67 -17.15 5.86
N LYS A 405 8.45 -17.65 7.09
CA LYS A 405 9.40 -18.54 7.80
C LYS A 405 8.83 -19.95 7.79
N PRO A 406 9.10 -20.76 6.74
CA PRO A 406 8.53 -22.11 6.65
C PRO A 406 9.13 -23.06 7.69
N LEU A 407 8.49 -24.21 7.81
CA LEU A 407 8.95 -25.31 8.71
C LEU A 407 10.43 -25.66 8.41
N ASP A 408 10.87 -25.56 7.16
CA ASP A 408 12.27 -25.94 6.76
C ASP A 408 12.53 -25.42 5.35
N ASP A 409 13.73 -25.69 4.79
CA ASP A 409 14.12 -25.07 3.51
C ASP A 409 13.64 -25.87 2.30
N ARG A 410 12.82 -26.92 2.45
CA ARG A 410 12.20 -27.54 1.24
C ARG A 410 11.33 -26.51 0.53
N PHE A 411 10.75 -25.54 1.27
CA PHE A 411 9.96 -24.42 0.72
C PHE A 411 10.69 -23.76 -0.45
N ALA A 412 12.02 -23.61 -0.38
CA ALA A 412 12.84 -22.88 -1.39
C ALA A 412 12.63 -23.44 -2.80
N SER A 413 12.49 -24.76 -2.96
CA SER A 413 12.36 -25.39 -4.29
C SER A 413 10.94 -25.88 -4.52
N ALA A 414 9.97 -25.43 -3.74
CA ALA A 414 8.55 -25.83 -3.90
C ALA A 414 7.87 -24.80 -4.79
N LEU A 415 8.01 -24.94 -6.12
CA LEU A 415 7.70 -23.87 -7.11
C LEU A 415 6.52 -24.23 -8.01
N THR A 416 6.01 -25.46 -8.00
CA THR A 416 5.08 -25.91 -9.09
C THR A 416 3.73 -25.20 -8.91
N ALA A 417 3.15 -25.26 -7.69
CA ALA A 417 1.86 -24.58 -7.42
C ALA A 417 2.02 -23.07 -7.62
N LEU A 418 3.09 -22.48 -7.05
CA LEU A 418 3.32 -21.02 -7.14
C LEU A 418 3.39 -20.59 -8.61
N ASN A 419 4.16 -21.31 -9.44
CA ASN A 419 4.28 -20.94 -10.88
C ASN A 419 2.92 -21.18 -11.57
N ASP A 420 2.24 -22.29 -11.29
CA ASP A 420 0.96 -22.65 -11.98
C ASP A 420 -0.17 -21.68 -11.58
N MET A 421 -0.17 -21.14 -10.37
CA MET A 421 -1.15 -20.10 -9.96
C MET A 421 -0.87 -18.80 -10.72
N GLY A 422 0.24 -18.72 -11.46
CA GLY A 422 0.70 -17.50 -12.17
C GLY A 422 1.45 -16.49 -11.31
N LYS A 423 1.80 -16.80 -10.07
CA LYS A 423 2.54 -15.88 -9.13
C LYS A 423 4.06 -16.07 -9.28
N VAL A 424 4.53 -15.77 -10.49
CA VAL A 424 5.93 -15.94 -10.96
C VAL A 424 6.80 -14.91 -10.23
N ARG A 425 7.89 -15.38 -9.63
CA ARG A 425 8.83 -14.58 -8.81
C ARG A 425 9.58 -13.61 -9.73
N LYS A 426 9.84 -12.40 -9.25
CA LYS A 426 10.61 -11.32 -9.94
C LYS A 426 12.12 -11.68 -9.95
N ASP A 427 12.80 -11.46 -11.08
CA ASP A 427 14.29 -11.43 -11.17
C ASP A 427 14.94 -12.75 -10.70
N ILE A 428 14.36 -13.89 -11.07
CA ILE A 428 14.95 -15.24 -10.79
C ILE A 428 14.36 -16.20 -11.81
N GLN A 429 15.14 -17.15 -12.32
CA GLN A 429 14.64 -18.10 -13.36
C GLN A 429 13.54 -18.96 -12.74
N GLN A 430 12.54 -19.27 -13.53
CA GLN A 430 11.25 -19.82 -13.06
C GLN A 430 11.45 -21.04 -12.16
N TRP A 431 12.47 -21.87 -12.39
CA TRP A 431 12.64 -23.14 -11.63
C TRP A 431 13.89 -23.11 -10.75
N GLU A 432 14.52 -21.95 -10.61
CA GLU A 432 15.69 -21.74 -9.72
C GLU A 432 15.17 -21.63 -8.28
N PRO A 433 15.71 -22.37 -7.30
CA PRO A 433 15.22 -22.27 -5.92
C PRO A 433 15.40 -20.88 -5.32
N SER A 434 14.45 -20.45 -4.48
CA SER A 434 14.48 -19.16 -3.77
C SER A 434 15.73 -19.10 -2.90
N ARG A 435 16.32 -17.93 -2.73
CA ARG A 435 17.38 -17.67 -1.73
C ARG A 435 16.71 -17.02 -0.50
N GLY A 436 16.83 -17.63 0.66
CA GLY A 436 16.23 -17.15 1.91
C GLY A 436 17.22 -16.30 2.70
N TRP A 437 16.77 -15.66 3.77
CA TRP A 437 17.60 -14.76 4.59
C TRP A 437 17.84 -15.46 5.91
N ASN A 438 19.07 -15.48 6.38
CA ASN A 438 19.44 -16.09 7.68
C ASN A 438 19.28 -15.10 8.81
N ASP A 439 19.18 -13.80 8.54
CA ASP A 439 19.08 -12.77 9.62
C ASP A 439 17.83 -11.89 9.39
N TRP A 440 16.89 -11.84 10.35
CA TRP A 440 15.63 -11.06 10.24
C TRP A 440 15.92 -9.57 10.01
N THR A 441 17.10 -9.08 10.39
CA THR A 441 17.51 -7.66 10.20
C THR A 441 17.92 -7.34 8.75
N GLN A 442 18.00 -8.37 7.91
CA GLN A 442 18.39 -8.25 6.47
C GLN A 442 17.17 -8.42 5.56
N VAL A 443 16.03 -8.88 6.08
CA VAL A 443 14.83 -9.20 5.26
C VAL A 443 14.19 -7.90 4.80
N PRO A 444 13.88 -7.73 3.49
CA PRO A 444 13.13 -6.58 3.01
C PRO A 444 11.61 -6.80 3.12
N PHE A 445 10.89 -5.82 3.69
CA PHE A 445 9.41 -5.89 3.86
C PHE A 445 8.89 -4.47 3.84
N CYS A 446 7.88 -4.22 3.00
CA CYS A 446 7.19 -2.91 2.83
C CYS A 446 8.21 -1.79 2.59
N SER A 447 9.17 -2.07 1.68
CA SER A 447 10.25 -1.17 1.20
C SER A 447 11.16 -0.74 2.36
N HIS A 448 11.39 -1.64 3.33
CA HIS A 448 12.20 -1.36 4.56
C HIS A 448 12.98 -2.60 5.02
N HIS A 449 14.06 -2.34 5.78
CA HIS A 449 14.74 -3.31 6.67
C HIS A 449 14.64 -2.77 8.09
N PHE A 450 14.93 -3.61 9.09
CA PHE A 450 14.71 -3.32 10.51
C PHE A 450 15.99 -3.58 11.28
N HIS A 451 16.36 -2.60 12.10
CA HIS A 451 17.53 -2.68 13.00
C HIS A 451 17.05 -2.96 14.42
N GLU A 452 17.87 -3.67 15.18
CA GLU A 452 17.77 -3.82 16.65
C GLU A 452 18.69 -2.80 17.32
N LEU A 453 18.15 -1.88 18.08
CA LEU A 453 18.93 -0.74 18.62
C LEU A 453 18.72 -0.73 20.13
N ILE A 454 19.82 -0.82 20.88
CA ILE A 454 19.75 -0.90 22.37
C ILE A 454 19.93 0.52 22.94
N MET A 455 18.98 0.95 23.75
CA MET A 455 19.01 2.28 24.41
C MET A 455 20.05 2.24 25.54
N LYS A 456 20.55 3.41 25.93
N LYS A 456 20.55 3.43 25.90
CA LYS A 456 21.57 3.55 26.99
CA LYS A 456 21.52 3.62 27.01
C LYS A 456 21.06 2.86 28.28
C LYS A 456 21.05 2.83 28.24
N ASP A 457 19.74 2.81 28.50
CA ASP A 457 19.12 2.12 29.67
C ASP A 457 18.79 0.64 29.43
N GLY A 458 19.26 0.01 28.35
CA GLY A 458 19.11 -1.44 28.13
C GLY A 458 17.85 -1.80 27.35
N ARG A 459 16.84 -0.93 27.25
CA ARG A 459 15.59 -1.32 26.55
C ARG A 459 15.85 -1.43 25.03
N VAL A 460 15.04 -2.22 24.34
CA VAL A 460 15.32 -2.63 22.94
C VAL A 460 14.31 -1.97 22.03
N LEU A 461 14.82 -1.15 21.10
CA LEU A 461 14.02 -0.61 19.99
C LEU A 461 14.26 -1.47 18.73
N VAL A 462 13.21 -1.85 18.03
CA VAL A 462 13.27 -2.41 16.66
C VAL A 462 12.72 -1.35 15.73
N VAL A 463 13.61 -0.80 14.91
CA VAL A 463 13.38 0.47 14.16
C VAL A 463 13.35 0.18 12.67
N PRO A 464 12.48 0.89 11.94
CA PRO A 464 12.45 0.79 10.49
C PRO A 464 13.53 1.65 9.83
N CYS A 465 13.98 1.20 8.65
CA CYS A 465 15.10 1.85 7.93
C CYS A 465 15.01 1.57 6.44
N ARG A 466 15.52 2.50 5.62
CA ARG A 466 15.79 2.28 4.17
C ARG A 466 16.87 3.27 3.72
N ASN A 467 17.37 3.11 2.50
CA ASN A 467 18.46 3.95 1.95
C ASN A 467 18.06 5.42 2.13
N GLN A 468 18.93 6.23 2.72
CA GLN A 468 18.57 7.58 3.13
C GLN A 468 18.30 8.43 1.91
N ASP A 469 18.93 8.12 0.79
CA ASP A 469 18.67 8.85 -0.48
C ASP A 469 17.20 8.76 -0.88
N GLU A 470 16.57 7.60 -0.66
CA GLU A 470 15.14 7.35 -0.97
C GLU A 470 14.28 8.23 -0.05
N LEU A 471 14.63 8.32 1.24
CA LEU A 471 13.84 9.12 2.22
C LEU A 471 13.94 10.62 1.91
N ILE A 472 15.14 11.10 1.64
CA ILE A 472 15.35 12.53 1.32
C ILE A 472 14.71 12.89 -0.03
N GLY A 473 14.90 12.06 -1.03
CA GLY A 473 14.33 12.22 -2.39
C GLY A 473 12.79 12.31 -2.38
N ARG A 474 12.11 11.51 -1.58
CA ARG A 474 10.62 11.53 -1.49
C ARG A 474 10.15 12.81 -0.79
N ALA A 475 10.82 13.24 0.27
CA ALA A 475 10.41 14.42 1.06
C ALA A 475 10.55 15.69 0.20
N ARG A 476 11.41 15.64 -0.82
CA ARG A 476 11.68 16.81 -1.72
C ARG A 476 10.63 16.90 -2.83
N ILE A 477 9.69 15.99 -2.84
CA ILE A 477 8.64 15.96 -3.91
C ILE A 477 7.28 16.29 -3.29
N SER A 478 6.54 17.18 -3.94
N SER A 478 6.52 17.19 -3.93
CA SER A 478 5.10 17.46 -3.69
CA SER A 478 5.08 17.45 -3.65
C SER A 478 4.28 16.89 -4.86
C SER A 478 4.24 16.97 -4.84
N GLN A 479 3.13 16.27 -4.56
CA GLN A 479 2.18 15.78 -5.60
C GLN A 479 1.10 16.87 -5.76
N GLY A 480 0.90 17.32 -7.00
CA GLY A 480 -0.07 18.37 -7.37
C GLY A 480 0.55 19.76 -7.32
N ALA A 481 -0.08 20.72 -8.00
CA ALA A 481 0.31 22.14 -8.06
C ALA A 481 -0.82 23.01 -7.48
N GLY A 482 -0.64 24.34 -7.50
CA GLY A 482 -1.53 25.32 -6.84
C GLY A 482 -1.22 25.42 -5.36
N TRP A 483 -0.05 24.89 -4.92
CA TRP A 483 0.32 24.88 -3.48
C TRP A 483 0.81 26.28 -3.06
N SER A 484 0.25 26.81 -2.01
CA SER A 484 0.77 28.04 -1.37
C SER A 484 2.09 27.71 -0.66
N LEU A 485 2.83 28.75 -0.21
CA LEU A 485 4.05 28.60 0.61
C LEU A 485 3.71 27.91 1.92
N ARG A 486 2.62 28.34 2.56
CA ARG A 486 2.15 27.73 3.83
C ARG A 486 1.87 26.23 3.68
N GLU A 487 1.17 25.83 2.62
CA GLU A 487 0.83 24.41 2.36
C GLU A 487 2.11 23.60 2.10
N THR A 488 3.05 24.17 1.35
CA THR A 488 4.37 23.52 1.04
C THR A 488 5.13 23.34 2.35
N ALA A 489 5.12 24.36 3.23
CA ALA A 489 5.79 24.29 4.54
C ALA A 489 5.15 23.19 5.39
N CYS A 490 3.81 23.08 5.42
CA CYS A 490 3.09 22.11 6.30
C CYS A 490 3.35 20.66 5.81
N LEU A 491 3.49 20.46 4.52
CA LEU A 491 3.93 19.15 3.95
C LEU A 491 5.38 18.86 4.36
N GLY A 492 6.27 19.84 4.31
CA GLY A 492 7.64 19.58 4.76
C GLY A 492 7.63 19.20 6.22
N LYS A 493 6.82 19.88 7.03
CA LYS A 493 6.70 19.55 8.47
C LYS A 493 6.18 18.13 8.67
N SER A 494 5.22 17.66 7.88
CA SER A 494 4.75 16.26 7.99
C SER A 494 5.94 15.32 7.78
N TYR A 495 6.75 15.53 6.75
CA TYR A 495 7.94 14.64 6.52
C TYR A 495 8.88 14.74 7.73
N ALA A 496 9.14 15.96 8.20
CA ALA A 496 10.05 16.18 9.36
C ALA A 496 9.53 15.40 10.56
N GLN A 497 8.24 15.48 10.87
CA GLN A 497 7.70 14.76 12.08
C GLN A 497 7.75 13.23 11.83
N MET A 498 7.49 12.78 10.60
CA MET A 498 7.60 11.32 10.35
C MET A 498 9.05 10.90 10.64
N TRP A 499 10.02 11.67 10.20
CA TRP A 499 11.44 11.32 10.39
C TRP A 499 11.79 11.26 11.89
N SER A 500 11.28 12.21 12.70
N SER A 500 11.30 12.21 12.71
CA SER A 500 11.57 12.28 14.16
CA SER A 500 11.59 12.26 14.16
C SER A 500 11.00 11.03 14.83
C SER A 500 11.00 11.02 14.84
N LEU A 501 9.87 10.52 14.34
CA LEU A 501 9.17 9.36 14.97
C LEU A 501 9.71 8.01 14.50
N MET A 502 10.03 7.86 13.22
CA MET A 502 10.38 6.57 12.62
C MET A 502 11.91 6.46 12.38
N TYR A 503 12.58 7.54 12.00
CA TYR A 503 13.97 7.52 11.45
C TYR A 503 14.90 8.36 12.36
N PHE A 504 14.55 8.53 13.63
CA PHE A 504 15.28 9.34 14.66
C PHE A 504 16.71 8.83 14.81
N HIS A 505 16.90 7.55 14.50
CA HIS A 505 18.20 6.80 14.61
C HIS A 505 19.18 7.13 13.48
N ARG A 506 18.73 7.87 12.46
CA ARG A 506 19.57 8.31 11.31
C ARG A 506 20.02 9.74 11.64
N ARG A 507 21.33 9.97 11.83
CA ARG A 507 21.89 11.27 12.25
C ARG A 507 21.41 12.40 11.34
N ASP A 508 21.47 12.21 10.02
CA ASP A 508 21.13 13.28 9.05
C ASP A 508 19.62 13.63 9.14
N LEU A 509 18.78 12.63 9.35
CA LEU A 509 17.31 12.86 9.36
C LEU A 509 16.90 13.53 10.66
N ARG A 510 17.49 13.18 11.81
CA ARG A 510 17.11 13.83 13.09
C ARG A 510 17.51 15.31 13.00
N LEU A 511 18.66 15.60 12.40
CA LEU A 511 19.16 16.99 12.26
C LEU A 511 18.26 17.72 11.26
N ALA A 512 17.95 17.15 10.12
CA ALA A 512 17.12 17.85 9.12
C ALA A 512 15.67 18.02 9.64
N ALA A 513 15.16 17.07 10.41
CA ALA A 513 13.78 17.14 10.98
C ALA A 513 13.73 18.31 11.95
N ASN A 514 14.73 18.42 12.81
CA ASN A 514 14.82 19.53 13.79
C ASN A 514 14.92 20.85 13.05
N ALA A 515 15.73 20.91 11.99
CA ALA A 515 15.86 22.12 11.17
C ALA A 515 14.51 22.48 10.53
N ILE A 516 13.82 21.54 9.89
CA ILE A 516 12.53 21.88 9.23
C ILE A 516 11.53 22.35 10.32
N CYS A 517 11.42 21.68 11.46
CA CYS A 517 10.42 22.04 12.51
C CYS A 517 10.79 23.39 13.13
N SER A 518 12.06 23.80 13.02
CA SER A 518 12.52 25.12 13.49
C SER A 518 12.17 26.18 12.44
N ALA A 519 12.10 25.80 11.16
CA ALA A 519 11.96 26.75 10.02
C ALA A 519 10.50 27.05 9.72
N VAL A 520 9.60 26.18 10.13
CA VAL A 520 8.15 26.25 9.90
C VAL A 520 7.50 26.75 11.20
N PRO A 521 6.53 27.70 11.11
CA PRO A 521 5.88 28.24 12.29
C PRO A 521 5.39 27.10 13.20
N SER A 522 5.68 27.23 14.49
N SER A 522 5.68 27.24 14.50
CA SER A 522 5.48 26.20 15.54
CA SER A 522 5.47 26.22 15.56
C SER A 522 4.04 25.67 15.55
C SER A 522 4.04 25.68 15.54
N HIS A 523 3.04 26.54 15.37
CA HIS A 523 1.59 26.16 15.45
C HIS A 523 0.99 25.73 14.12
N TRP A 524 1.71 25.80 13.00
CA TRP A 524 1.12 25.39 11.69
C TRP A 524 0.99 23.87 11.62
N VAL A 525 -0.12 23.40 11.11
CA VAL A 525 -0.55 21.99 11.21
C VAL A 525 0.03 21.23 10.02
N PRO A 526 0.72 20.12 10.24
CA PRO A 526 1.16 19.28 9.14
C PRO A 526 0.03 18.78 8.24
N THR A 527 0.24 18.73 6.92
CA THR A 527 -0.72 18.24 5.90
C THR A 527 -0.08 17.19 4.99
N SER A 528 -0.93 16.45 4.29
CA SER A 528 -0.62 15.52 3.17
C SER A 528 -1.87 15.42 2.28
N ARG A 529 -1.72 15.28 0.96
CA ARG A 529 -2.86 15.24 -0.01
C ARG A 529 -3.30 13.79 -0.31
N THR A 530 -2.52 12.77 0.09
CA THR A 530 -2.97 11.36 0.21
C THR A 530 -2.32 10.75 1.46
N THR A 531 -3.13 10.24 2.40
CA THR A 531 -2.71 9.87 3.78
C THR A 531 -2.26 8.41 3.81
N ALA A 536 -1.46 2.69 7.10
CA ALA A 536 -1.29 2.27 8.52
C ALA A 536 -1.51 3.48 9.45
N THR A 537 -0.87 3.48 10.63
CA THR A 537 -1.08 4.55 11.64
C THR A 537 -0.07 5.68 11.35
N HIS A 538 -0.56 6.93 11.30
N HIS A 538 -0.58 6.92 11.35
CA HIS A 538 0.25 8.15 11.03
CA HIS A 538 0.14 8.18 11.02
C HIS A 538 0.28 9.04 12.26
C HIS A 538 0.26 9.05 12.28
N GLU A 539 0.99 8.59 13.30
CA GLU A 539 1.08 9.32 14.60
C GLU A 539 1.83 10.65 14.47
N TRP A 540 2.55 10.91 13.36
CA TRP A 540 3.30 12.18 13.16
C TRP A 540 2.36 13.32 12.70
N MET A 541 1.11 13.04 12.35
CA MET A 541 0.16 14.04 11.81
C MET A 541 -0.57 14.67 13.01
N THR A 542 0.07 15.63 13.68
CA THR A 542 -0.35 16.20 14.98
C THR A 542 0.48 17.45 15.23
N THR A 543 -0.02 18.36 16.08
CA THR A 543 0.71 19.54 16.59
C THR A 543 1.23 19.30 18.02
N GLU A 544 0.93 18.14 18.59
CA GLU A 544 1.54 17.71 19.87
C GLU A 544 3.06 17.66 19.75
N ASP A 545 3.73 17.85 20.87
CA ASP A 545 5.20 17.85 21.00
C ASP A 545 5.71 16.47 20.56
N MET A 546 6.76 16.38 19.73
CA MET A 546 7.16 15.08 19.12
C MET A 546 7.81 14.19 20.18
N LEU A 547 8.44 14.74 21.22
CA LEU A 547 8.96 13.88 22.32
C LEU A 547 7.82 13.13 23.02
N THR A 548 6.68 13.79 23.26
CA THR A 548 5.50 13.17 23.91
C THR A 548 4.96 12.06 22.99
N VAL A 549 4.80 12.33 21.71
CA VAL A 549 4.36 11.32 20.73
C VAL A 549 5.38 10.16 20.67
N TRP A 550 6.69 10.44 20.73
CA TRP A 550 7.72 9.36 20.68
C TRP A 550 7.49 8.42 21.87
N ASN A 551 7.34 8.98 23.07
CA ASN A 551 7.11 8.24 24.32
C ASN A 551 5.84 7.40 24.19
N ARG A 552 4.76 7.95 23.68
CA ARG A 552 3.51 7.16 23.55
C ARG A 552 3.71 5.97 22.60
N VAL A 553 4.35 6.17 21.44
CA VAL A 553 4.48 5.17 20.35
C VAL A 553 5.53 4.10 20.77
N TRP A 554 6.70 4.52 21.22
CA TRP A 554 7.86 3.61 21.41
C TRP A 554 7.85 2.97 22.80
N ILE A 555 7.20 3.61 23.80
CA ILE A 555 7.27 3.16 25.23
C ILE A 555 5.86 2.74 25.68
N GLN A 556 4.96 3.72 25.89
CA GLN A 556 3.64 3.50 26.54
C GLN A 556 2.83 2.41 25.80
N GLU A 557 2.61 2.55 24.49
CA GLU A 557 1.68 1.71 23.71
C GLU A 557 2.43 0.52 23.06
N ASN A 558 3.73 0.34 23.35
CA ASN A 558 4.61 -0.66 22.67
C ASN A 558 4.50 -1.97 23.44
N PRO A 559 3.78 -2.99 22.91
CA PRO A 559 3.61 -4.23 23.65
C PRO A 559 4.90 -5.03 23.84
N TRP A 560 5.99 -4.71 23.14
CA TRP A 560 7.28 -5.46 23.29
C TRP A 560 8.19 -4.81 24.35
N MET A 561 7.77 -3.72 25.00
CA MET A 561 8.55 -2.95 26.01
C MET A 561 7.87 -3.18 27.37
N GLU A 562 8.50 -3.93 28.27
CA GLU A 562 7.90 -4.22 29.61
C GLU A 562 8.05 -2.97 30.51
N ASP A 563 9.23 -2.34 30.55
CA ASP A 563 9.50 -1.16 31.41
C ASP A 563 8.93 0.11 30.76
N LYS A 564 7.99 0.79 31.42
CA LYS A 564 7.24 1.94 30.81
C LYS A 564 7.82 3.28 31.28
N THR A 565 9.06 3.32 31.76
CA THR A 565 9.68 4.60 32.20
C THR A 565 9.76 5.54 31.02
N PRO A 566 9.16 6.76 31.10
CA PRO A 566 9.20 7.70 29.99
C PRO A 566 10.65 8.15 29.74
N VAL A 567 10.92 8.57 28.52
CA VAL A 567 12.17 9.25 28.12
C VAL A 567 11.93 10.76 28.28
N GLU A 568 12.91 11.47 28.87
CA GLU A 568 12.77 12.89 29.31
C GLU A 568 13.41 13.83 28.29
N SER A 569 14.29 13.35 27.41
CA SER A 569 14.92 14.20 26.38
C SER A 569 15.33 13.38 25.16
N TRP A 570 15.52 14.06 24.05
CA TRP A 570 15.89 13.41 22.78
C TRP A 570 17.29 12.79 22.95
N GLU A 571 18.12 13.30 23.84
CA GLU A 571 19.50 12.75 24.00
C GLU A 571 19.48 11.34 24.61
N GLU A 572 18.43 10.93 25.30
CA GLU A 572 18.24 9.53 25.78
C GLU A 572 17.99 8.56 24.58
N ILE A 573 17.64 9.09 23.40
CA ILE A 573 17.11 8.29 22.25
C ILE A 573 18.30 8.04 21.33
N PRO A 574 18.67 6.76 21.12
CA PRO A 574 19.91 6.42 20.41
C PRO A 574 19.87 6.55 18.88
N TYR A 575 21.07 6.50 18.31
CA TYR A 575 21.36 6.44 16.86
C TYR A 575 21.88 5.02 16.52
N LEU A 576 21.80 4.65 15.23
CA LEU A 576 22.57 3.52 14.68
C LEU A 576 24.06 3.78 14.98
N GLY A 577 24.87 2.74 15.00
CA GLY A 577 26.33 2.89 14.90
C GLY A 577 26.68 3.80 13.73
N LYS A 578 27.75 4.58 13.86
CA LYS A 578 28.11 5.53 12.80
C LYS A 578 28.39 4.77 11.50
N ARG A 579 29.02 3.61 11.54
CA ARG A 579 29.32 2.86 10.29
C ARG A 579 28.02 2.32 9.68
N GLU A 580 27.11 1.77 10.47
CA GLU A 580 25.77 1.30 9.99
C GLU A 580 25.01 2.48 9.37
N ASP A 581 25.15 3.69 9.89
CA ASP A 581 24.43 4.89 9.40
C ASP A 581 24.97 5.21 8.01
N GLN A 582 26.28 5.11 7.83
CA GLN A 582 26.91 5.33 6.52
C GLN A 582 26.48 4.23 5.55
N TRP A 583 26.51 2.97 5.97
CA TRP A 583 26.06 1.84 5.13
C TRP A 583 24.64 2.11 4.60
N CYS A 584 23.78 2.73 5.41
CA CYS A 584 22.36 2.97 5.02
C CYS A 584 22.20 4.37 4.39
N GLY A 585 23.33 4.97 3.98
CA GLY A 585 23.33 6.15 3.09
C GLY A 585 23.66 7.45 3.79
N SER A 586 23.99 7.48 5.09
CA SER A 586 24.37 8.75 5.79
C SER A 586 25.52 9.44 5.04
N LEU A 587 25.50 10.78 5.06
CA LEU A 587 26.60 11.65 4.59
C LEU A 587 27.57 12.04 5.71
N ILE A 588 27.35 11.54 6.94
CA ILE A 588 28.25 11.80 8.10
C ILE A 588 29.68 11.44 7.69
N GLY A 589 30.64 12.33 7.96
CA GLY A 589 32.05 12.15 7.56
C GLY A 589 32.44 12.98 6.33
N LEU A 590 31.47 13.43 5.52
CA LEU A 590 31.73 14.30 4.35
C LEU A 590 31.78 15.76 4.79
N THR A 591 32.66 16.55 4.14
CA THR A 591 32.86 18.00 4.38
C THR A 591 31.58 18.76 4.02
N SER A 592 30.88 18.39 2.94
CA SER A 592 29.58 19.03 2.60
C SER A 592 28.58 18.97 3.79
N ARG A 593 28.53 17.83 4.47
CA ARG A 593 27.59 17.52 5.57
C ARG A 593 28.03 18.26 6.84
N ALA A 594 29.35 18.29 7.11
CA ALA A 594 29.92 19.04 8.26
C ALA A 594 29.57 20.54 8.15
N THR A 595 29.68 21.13 6.98
CA THR A 595 29.40 22.57 6.79
C THR A 595 27.90 22.83 6.95
N TRP A 596 27.08 21.94 6.39
CA TRP A 596 25.61 22.01 6.55
C TRP A 596 25.25 22.00 8.04
N ALA A 597 25.70 21.00 8.78
CA ALA A 597 25.39 20.83 10.22
C ALA A 597 25.82 22.08 11.01
N LYS A 598 27.05 22.53 10.79
CA LYS A 598 27.68 23.64 11.54
C LYS A 598 26.91 24.94 11.27
N ASN A 599 26.51 25.18 10.03
CA ASN A 599 25.83 26.42 9.58
C ASN A 599 24.30 26.26 9.50
N ILE A 600 23.70 25.32 10.22
CA ILE A 600 22.25 24.99 9.99
C ILE A 600 21.33 26.20 10.34
N GLN A 601 21.70 27.00 11.34
N GLN A 601 21.71 27.00 11.34
CA GLN A 601 20.88 28.17 11.79
CA GLN A 601 20.90 28.17 11.79
C GLN A 601 20.76 29.19 10.65
C GLN A 601 20.76 29.18 10.64
N THR A 602 21.76 29.26 9.76
CA THR A 602 21.69 30.13 8.56
C THR A 602 20.65 29.62 7.56
N ALA A 603 20.52 28.31 7.40
CA ALA A 603 19.56 27.71 6.46
C ALA A 603 18.18 27.91 7.03
N ILE A 604 18.05 27.67 8.33
CA ILE A 604 16.77 27.85 9.05
C ILE A 604 16.31 29.29 8.85
N ASN A 605 17.21 30.26 9.05
CA ASN A 605 16.91 31.71 8.94
C ASN A 605 16.56 32.08 7.50
N GLN A 606 17.20 31.49 6.48
CA GLN A 606 16.77 31.69 5.07
C GLN A 606 15.28 31.36 4.89
N VAL A 607 14.84 30.19 5.34
CA VAL A 607 13.44 29.72 5.16
C VAL A 607 12.50 30.62 6.02
N ARG A 608 12.88 30.94 7.26
CA ARG A 608 12.08 31.87 8.11
C ARG A 608 11.84 33.21 7.43
N SER A 609 12.87 33.77 6.81
CA SER A 609 12.78 35.04 6.02
C SER A 609 11.80 34.90 4.85
N LEU A 610 11.71 33.75 4.21
CA LEU A 610 10.84 33.57 3.02
C LEU A 610 9.39 33.49 3.49
N ILE A 611 9.14 32.73 4.56
CA ILE A 611 7.77 32.53 5.11
C ILE A 611 7.29 33.85 5.78
N GLY A 612 8.18 34.54 6.48
CA GLY A 612 7.94 35.89 7.04
C GLY A 612 7.92 35.92 8.55
N ASN A 613 7.33 36.97 9.13
CA ASN A 613 7.31 37.23 10.60
C ASN A 613 6.20 36.41 11.25
N GLU A 614 6.54 35.26 11.81
CA GLU A 614 5.61 34.25 12.35
C GLU A 614 6.23 33.85 13.68
N GLU A 615 5.55 33.08 14.52
CA GLU A 615 6.12 32.49 15.76
C GLU A 615 6.81 31.18 15.38
N TYR A 616 8.11 31.09 15.65
CA TYR A 616 9.02 29.93 15.43
C TYR A 616 9.56 29.44 16.77
N THR A 617 9.85 28.14 16.86
CA THR A 617 10.61 27.49 17.96
C THR A 617 11.98 27.02 17.44
N ASP A 618 13.05 27.21 18.22
CA ASP A 618 14.38 26.60 17.92
C ASP A 618 14.40 25.18 18.52
N TYR A 619 14.29 24.16 17.67
CA TYR A 619 14.40 22.75 18.12
C TYR A 619 15.86 22.26 18.09
N MET A 620 16.81 23.03 17.57
CA MET A 620 18.19 22.48 17.40
C MET A 620 18.85 22.13 18.76
N PRO A 621 18.69 22.90 19.87
CA PRO A 621 19.27 22.50 21.17
C PRO A 621 18.72 21.21 21.82
N SER A 622 17.71 20.56 21.22
CA SER A 622 17.30 19.15 21.54
C SER A 622 18.41 18.15 21.18
N MET A 623 19.42 18.57 20.40
CA MET A 623 20.60 17.72 20.04
C MET A 623 21.83 18.22 20.81
N LYS A 624 22.64 17.29 21.31
CA LYS A 624 23.85 17.55 22.15
C LYS A 624 24.68 18.70 21.54
N ARG A 625 25.02 18.64 20.25
CA ARG A 625 26.05 19.52 19.63
C ARG A 625 25.57 20.98 19.51
N PHE A 626 24.25 21.26 19.53
CA PHE A 626 23.69 22.63 19.45
C PHE A 626 23.33 23.10 20.87
N ARG A 627 23.23 22.16 21.82
CA ARG A 627 23.06 22.48 23.25
C ARG A 627 24.36 23.18 23.67
N ARG A 628 24.50 24.47 23.31
CA ARG A 628 25.72 25.30 23.48
C ARG A 628 26.90 24.65 22.76
ZN ZN B . 19.35 0.56 7.71
ZN ZN C . -22.53 -0.59 -12.04
O1 MES D . 9.07 29.89 -2.23
O1 MES D . 9.23 29.66 -2.20
C2 MES D . 9.94 30.46 -3.19
C2 MES D . 10.20 30.16 -3.13
C3 MES D . 10.65 29.39 -3.98
C3 MES D . 11.17 29.08 -3.53
N4 MES D . 11.42 28.49 -3.07
N4 MES D . 11.88 28.54 -2.32
C5 MES D . 10.53 27.97 -1.98
C5 MES D . 10.85 28.09 -1.33
C6 MES D . 9.82 29.11 -1.30
C6 MES D . 9.88 29.20 -1.03
C7 MES D . 12.05 27.36 -3.83
C7 MES D . 12.84 27.45 -2.66
C8 MES D . 13.28 26.82 -3.15
C8 MES D . 12.58 26.83 -4.02
S MES D . 14.12 25.61 -4.17
S MES D . 13.96 25.85 -4.58
O1S MES D . 14.72 26.35 -5.23
O1S MES D . 15.09 26.28 -3.82
O2S MES D . 15.05 24.97 -3.28
O2S MES D . 13.61 24.47 -4.32
O3S MES D . 13.09 24.71 -4.62
O3S MES D . 14.09 26.11 -5.98
S DMS E . 11.11 18.58 16.43
O DMS E . 11.59 18.08 17.80
C1 DMS E . 9.34 18.62 16.54
C2 DMS E . 11.32 17.13 15.39
S DMS F . 22.98 10.57 22.01
O DMS F . 21.56 10.20 21.61
C1 DMS F . 23.15 12.31 21.72
C2 DMS F . 24.05 9.98 20.72
S DMS G . 3.85 12.17 4.67
O DMS G . 2.72 12.21 5.65
C1 DMS G . 4.12 10.43 4.39
C2 DMS G . 5.28 12.43 5.65
P PO4 H . 9.27 -8.86 -0.46
O1 PO4 H . 10.83 -9.04 -1.00
O2 PO4 H . 8.39 -10.22 -0.63
O3 PO4 H . 9.25 -8.41 1.07
O4 PO4 H . 8.66 -7.83 -1.29
P PO4 I . -22.63 -17.32 -4.94
O1 PO4 I . -21.84 -16.51 -5.99
O2 PO4 I . -22.06 -18.75 -4.87
O3 PO4 I . -22.52 -16.65 -3.56
O4 PO4 I . -24.11 -17.41 -5.36
C1 PEG J . 2.55 -9.19 20.51
O1 PEG J . 1.71 -8.09 20.80
C2 PEG J . 3.04 -9.88 21.74
O2 PEG J . 4.16 -9.16 22.27
C3 PEG J . 4.33 -9.32 23.68
C4 PEG J . 5.77 -9.69 23.98
O4 PEG J . 6.38 -8.80 24.89
N1 A1BDM K . 14.75 -1.07 -0.03
N A1BDM K . 15.21 -2.06 2.16
C A1BDM K . 15.39 -1.13 1.18
C1 A1BDM K . 14.28 -2.99 1.87
C2 A1BDM K . 13.57 -3.03 0.70
C3 A1BDM K . 13.84 -2.04 -0.22
BR A1BDM K . 16.70 0.24 1.55
#